data_1IM8
#
_entry.id   1IM8
#
_cell.length_a   74.97
_cell.length_b   74.97
_cell.length_c   319.12
_cell.angle_alpha   90.0
_cell.angle_beta   90.0
_cell.angle_gamma   120.0
#
_symmetry.space_group_name_H-M   'P 61 2 2'
#
loop_
_entity.id
_entity.type
_entity.pdbx_description
1 polymer YecO
2 non-polymer 'CHLORIDE ION'
3 non-polymer S-ADENOSYL-L-HOMOSELENOCYSTEINE
4 water water
#
_entity_poly.entity_id   1
_entity_poly.type   'polypeptide(L)'
_entity_poly.pdbx_seq_one_letter_code
;GSH(MSE)VKDTLFSTPIAKLGDFIFDENVAEVFPD(MSE)IQRSVPGYSNIITAIG(MSE)LAERFVTADSNVYDLGCS
RGAATLSARRNINQPNVKIIGIDNSQP(MSE)VERCRQHIAAYHSEIPVEILCNDIRHVEIKNAS(MSE)VILNFTLQFL
PPEDRIALLTKIYEGLNPNGVLVLSEKFRFEDTKINHLLIDLHHQFKRANGYSELEVSQKRTALENV(MSE)RTDSIETH
KVRLKNVGFSQVELWFQCFNFGS(MSE)IAVK
;
_entity_poly.pdbx_strand_id   A,B
#
loop_
_chem_comp.id
_chem_comp.type
_chem_comp.name
_chem_comp.formula
CL non-polymer 'CHLORIDE ION' 'Cl -1'
SAI non-polymer S-ADENOSYL-L-HOMOSELENOCYSTEINE 'C14 H20 N6 O5 Se'
#
# COMPACT_ATOMS: atom_id res chain seq x y z
N PHE A 20 -8.39 -9.13 -5.76
CA PHE A 20 -8.85 -8.69 -4.40
C PHE A 20 -7.85 -7.82 -3.65
N ILE A 21 -8.19 -6.54 -3.49
CA ILE A 21 -7.37 -5.58 -2.76
C ILE A 21 -8.40 -4.94 -1.83
N PHE A 22 -7.93 -4.12 -0.91
CA PHE A 22 -8.83 -3.41 -0.01
C PHE A 22 -9.20 -2.04 -0.62
N ASP A 23 -10.11 -2.05 -1.60
CA ASP A 23 -10.57 -0.84 -2.30
C ASP A 23 -11.85 -0.28 -1.71
N GLU A 24 -12.38 0.77 -2.34
CA GLU A 24 -13.64 1.41 -1.91
C GLU A 24 -14.73 0.39 -1.61
N ASN A 25 -14.87 -0.60 -2.47
CA ASN A 25 -15.89 -1.63 -2.29
C ASN A 25 -15.67 -2.54 -1.07
N VAL A 26 -14.46 -3.06 -0.90
CA VAL A 26 -14.20 -3.88 0.27
C VAL A 26 -14.35 -2.98 1.53
N ALA A 27 -13.85 -1.76 1.48
CA ALA A 27 -13.98 -0.89 2.64
C ALA A 27 -15.43 -0.68 3.03
N GLU A 28 -16.34 -0.72 2.06
CA GLU A 28 -17.74 -0.49 2.36
C GLU A 28 -18.49 -1.68 2.97
N VAL A 29 -18.31 -2.85 2.39
CA VAL A 29 -18.97 -4.05 2.86
C VAL A 29 -18.18 -4.73 4.02
N PHE A 30 -17.00 -4.23 4.37
CA PHE A 30 -16.16 -4.89 5.40
C PHE A 30 -16.81 -5.39 6.70
N PRO A 31 -17.60 -4.51 7.39
CA PRO A 31 -18.19 -5.02 8.65
C PRO A 31 -19.08 -6.22 8.43
N ASP A 32 -19.84 -6.20 7.34
CA ASP A 32 -20.68 -7.38 7.06
C ASP A 32 -19.85 -8.58 6.51
N MSE A 33 -18.83 -8.35 5.70
CA MSE A 33 -18.04 -9.47 5.19
C MSE A 33 -17.36 -10.22 6.34
O MSE A 33 -17.44 -11.45 6.42
CB MSE A 33 -16.98 -8.97 4.22
CG MSE A 33 -16.06 -10.05 3.66
SE MSE A 33 -14.58 -9.15 2.83
CE MSE A 33 -13.62 -8.42 4.32
N ILE A 34 -16.71 -9.48 7.23
CA ILE A 34 -15.99 -10.09 8.33
C ILE A 34 -16.92 -10.75 9.37
N GLN A 35 -18.13 -10.23 9.49
CA GLN A 35 -19.14 -10.76 10.41
C GLN A 35 -19.56 -12.15 9.91
N ARG A 36 -19.83 -12.27 8.62
CA ARG A 36 -20.22 -13.55 8.07
C ARG A 36 -19.07 -14.53 7.87
N SER A 37 -17.83 -14.08 7.98
CA SER A 37 -16.76 -15.05 7.77
C SER A 37 -15.85 -15.40 8.92
N VAL A 38 -15.78 -14.57 9.97
CA VAL A 38 -14.94 -14.86 11.14
C VAL A 38 -15.75 -15.29 12.35
N PRO A 39 -15.74 -16.61 12.65
CA PRO A 39 -16.52 -17.07 13.79
C PRO A 39 -16.01 -16.48 15.09
N GLY A 40 -16.91 -15.86 15.83
CA GLY A 40 -16.53 -15.22 17.08
C GLY A 40 -15.98 -13.81 16.96
N TYR A 41 -15.91 -13.25 15.74
CA TYR A 41 -15.35 -11.92 15.51
C TYR A 41 -15.77 -10.87 16.51
N SER A 42 -17.07 -10.76 16.64
CA SER A 42 -17.75 -9.87 17.54
C SER A 42 -17.38 -10.06 19.03
N ASN A 43 -17.25 -11.30 19.48
CA ASN A 43 -16.86 -11.52 20.87
C ASN A 43 -15.46 -11.03 21.11
N ILE A 44 -14.60 -11.17 20.10
CA ILE A 44 -13.21 -10.72 20.23
C ILE A 44 -13.16 -9.22 20.40
N ILE A 45 -14.00 -8.51 19.63
CA ILE A 45 -14.02 -7.07 19.67
C ILE A 45 -14.44 -6.63 21.10
N THR A 46 -15.48 -7.27 21.66
CA THR A 46 -15.96 -6.99 23.01
C THR A 46 -14.85 -7.29 24.01
N ALA A 47 -14.19 -8.44 23.86
CA ALA A 47 -13.09 -8.84 24.73
C ALA A 47 -11.92 -7.86 24.64
N ILE A 48 -11.66 -7.34 23.42
CA ILE A 48 -10.61 -6.33 23.28
C ILE A 48 -10.91 -5.11 24.18
N GLY A 49 -12.18 -4.73 24.30
CA GLY A 49 -12.54 -3.65 25.22
C GLY A 49 -12.21 -4.06 26.68
N MSE A 50 -12.54 -5.29 27.08
CA MSE A 50 -12.22 -5.78 28.44
C MSE A 50 -10.70 -5.76 28.63
O MSE A 50 -10.19 -5.28 29.65
CB MSE A 50 -12.76 -7.22 28.62
CG MSE A 50 -14.28 -7.30 28.70
SE MSE A 50 -14.97 -9.06 28.55
CE MSE A 50 -14.63 -9.58 30.34
N LEU A 51 -9.97 -6.25 27.64
CA LEU A 51 -8.51 -6.22 27.75
C LEU A 51 -7.95 -4.79 27.83
N ALA A 52 -8.58 -3.83 27.17
CA ALA A 52 -8.08 -2.47 27.19
C ALA A 52 -8.29 -1.89 28.60
N GLU A 53 -9.38 -2.26 29.23
CA GLU A 53 -9.66 -1.82 30.58
C GLU A 53 -8.56 -2.36 31.51
N ARG A 54 -8.22 -3.62 31.35
CA ARG A 54 -7.19 -4.23 32.16
C ARG A 54 -5.78 -3.81 31.88
N PHE A 55 -5.44 -3.68 30.60
CA PHE A 55 -4.06 -3.37 30.25
C PHE A 55 -3.63 -1.98 29.86
N VAL A 56 -4.56 -1.11 29.48
CA VAL A 56 -4.16 0.22 29.07
C VAL A 56 -3.90 1.14 30.25
N THR A 57 -2.67 1.62 30.38
CA THR A 57 -2.27 2.50 31.49
C THR A 57 -2.33 3.99 31.09
N ALA A 58 -2.43 4.86 32.07
CA ALA A 58 -2.41 6.30 31.84
C ALA A 58 -1.08 6.64 31.17
N ASP A 59 -1.03 7.79 30.53
CA ASP A 59 0.16 8.29 29.88
C ASP A 59 0.76 7.38 28.84
N SER A 60 -0.02 6.46 28.24
CA SER A 60 0.55 5.58 27.21
C SER A 60 -0.18 5.66 25.92
N ASN A 61 0.35 4.96 24.91
CA ASN A 61 -0.29 4.90 23.62
C ASN A 61 -0.83 3.49 23.35
N VAL A 62 -1.85 3.45 22.51
CA VAL A 62 -2.49 2.24 22.08
C VAL A 62 -2.42 2.24 20.54
N TYR A 63 -1.84 1.19 19.95
CA TYR A 63 -1.74 1.10 18.51
C TYR A 63 -2.72 0.03 18.02
N ASP A 64 -3.40 0.27 16.91
CA ASP A 64 -4.32 -0.69 16.33
C ASP A 64 -3.74 -0.86 14.94
N LEU A 65 -3.02 -1.96 14.73
CA LEU A 65 -2.36 -2.23 13.45
C LEU A 65 -3.19 -2.94 12.37
N GLY A 66 -3.42 -2.23 11.27
CA GLY A 66 -4.27 -2.74 10.19
C GLY A 66 -5.62 -2.50 10.85
N CYS A 67 -5.89 -1.23 11.09
CA CYS A 67 -7.14 -0.93 11.78
C CYS A 67 -8.46 -0.99 11.05
N SER A 68 -8.45 -1.07 9.72
CA SER A 68 -9.67 -1.10 8.88
C SER A 68 -10.72 -0.03 9.18
N ARG A 69 -11.93 -0.44 9.59
CA ARG A 69 -12.99 0.53 9.90
C ARG A 69 -12.88 1.09 11.34
N GLY A 70 -11.99 0.48 12.11
CA GLY A 70 -11.76 0.91 13.49
C GLY A 70 -12.66 0.30 14.56
N ALA A 71 -13.03 -0.96 14.39
CA ALA A 71 -13.91 -1.66 15.34
C ALA A 71 -13.17 -1.94 16.64
N ALA A 72 -11.95 -2.46 16.53
CA ALA A 72 -11.12 -2.76 17.70
C ALA A 72 -10.72 -1.46 18.33
N THR A 73 -10.45 -0.47 17.49
CA THR A 73 -10.04 0.83 18.00
C THR A 73 -11.11 1.48 18.88
N LEU A 74 -12.36 1.45 18.43
CA LEU A 74 -13.43 2.03 19.20
C LEU A 74 -13.75 1.18 20.40
N SER A 75 -13.56 -0.13 20.31
CA SER A 75 -13.85 -1.00 21.45
C SER A 75 -12.86 -0.69 22.58
N ALA A 76 -11.61 -0.48 22.21
CA ALA A 76 -10.62 -0.15 23.18
C ALA A 76 -10.92 1.24 23.75
N ARG A 77 -11.13 2.21 22.87
CA ARG A 77 -11.37 3.59 23.24
C ARG A 77 -12.48 3.74 24.22
N ARG A 78 -13.56 3.01 23.99
CA ARG A 78 -14.74 3.03 24.85
C ARG A 78 -14.53 2.45 26.26
N ASN A 79 -13.52 1.63 26.43
CA ASN A 79 -13.22 1.02 27.69
C ASN A 79 -11.96 1.54 28.39
N ILE A 80 -11.37 2.63 27.89
CA ILE A 80 -10.17 3.22 28.53
C ILE A 80 -10.62 4.37 29.42
N ASN A 81 -10.29 4.29 30.70
CA ASN A 81 -10.65 5.31 31.66
C ASN A 81 -9.39 5.77 32.35
N GLN A 82 -8.34 6.02 31.60
CA GLN A 82 -7.11 6.44 32.20
C GLN A 82 -6.74 7.71 31.49
N PRO A 83 -6.14 8.67 32.19
CA PRO A 83 -5.76 9.94 31.56
C PRO A 83 -4.54 9.92 30.65
N ASN A 84 -4.44 10.95 29.83
CA ASN A 84 -3.31 11.06 28.97
C ASN A 84 -2.97 9.81 28.09
N VAL A 85 -4.01 9.18 27.55
CA VAL A 85 -3.85 8.03 26.67
C VAL A 85 -4.16 8.50 25.24
N LYS A 86 -3.41 7.96 24.28
CA LYS A 86 -3.58 8.30 22.89
C LYS A 86 -3.67 7.03 22.07
N ILE A 87 -4.55 7.01 21.07
CA ILE A 87 -4.69 5.85 20.18
C ILE A 87 -4.20 6.20 18.79
N ILE A 88 -3.50 5.27 18.16
CA ILE A 88 -2.97 5.46 16.84
C ILE A 88 -3.39 4.24 16.02
N GLY A 89 -4.24 4.44 15.04
CA GLY A 89 -4.65 3.31 14.22
C GLY A 89 -3.90 3.48 12.91
N ILE A 90 -3.45 2.38 12.33
CA ILE A 90 -2.72 2.42 11.05
C ILE A 90 -3.27 1.39 10.06
N ASP A 91 -3.48 1.81 8.81
CA ASP A 91 -3.96 0.93 7.74
C ASP A 91 -3.41 1.52 6.42
N ASN A 92 -2.74 0.70 5.61
CA ASN A 92 -2.17 1.20 4.36
C ASN A 92 -3.15 1.42 3.17
N SER A 93 -4.43 1.12 3.39
CA SER A 93 -5.43 1.34 2.37
C SER A 93 -6.11 2.68 2.63
N GLN A 94 -6.03 3.59 1.67
CA GLN A 94 -6.66 4.91 1.81
C GLN A 94 -8.18 4.79 1.95
N PRO A 95 -8.83 3.93 1.14
CA PRO A 95 -10.28 3.75 1.22
C PRO A 95 -10.71 3.30 2.63
N MSE A 96 -9.88 2.44 3.22
CA MSE A 96 -10.16 1.99 4.56
C MSE A 96 -9.95 3.16 5.54
O MSE A 96 -10.85 3.46 6.31
CB MSE A 96 -9.23 0.84 4.92
CG MSE A 96 -9.82 -0.16 5.83
SE MSE A 96 -11.39 -1.11 5.31
CE MSE A 96 -10.84 -2.70 4.45
N VAL A 97 -8.79 3.83 5.48
CA VAL A 97 -8.47 4.97 6.35
C VAL A 97 -9.45 6.14 6.32
N GLU A 98 -10.12 6.36 5.20
CA GLU A 98 -11.06 7.45 5.16
C GLU A 98 -12.33 7.13 5.96
N ARG A 99 -12.84 5.92 5.81
CA ARG A 99 -14.05 5.52 6.54
C ARG A 99 -13.75 5.32 8.02
N CYS A 100 -12.49 5.03 8.32
CA CYS A 100 -12.07 4.82 9.69
C CYS A 100 -12.15 6.12 10.43
N ARG A 101 -11.40 7.10 9.94
CA ARG A 101 -11.39 8.42 10.55
C ARG A 101 -12.79 9.01 10.67
N GLN A 102 -13.62 8.82 9.64
CA GLN A 102 -14.94 9.40 9.70
C GLN A 102 -15.78 8.64 10.71
N HIS A 103 -15.67 7.31 10.68
CA HIS A 103 -16.41 6.48 11.63
C HIS A 103 -16.10 6.82 13.09
N ILE A 104 -14.85 7.15 13.37
CA ILE A 104 -14.34 7.52 14.68
C ILE A 104 -14.73 8.95 15.10
N ALA A 105 -14.68 9.89 14.16
CA ALA A 105 -15.09 11.28 14.49
C ALA A 105 -16.62 11.35 14.85
N ALA A 106 -17.34 10.27 14.58
CA ALA A 106 -18.77 10.21 14.85
C ALA A 106 -19.12 9.93 16.31
N TYR A 107 -18.11 9.58 17.11
CA TYR A 107 -18.30 9.24 18.52
C TYR A 107 -17.45 10.12 19.36
N HIS A 108 -18.05 10.67 20.39
CA HIS A 108 -17.31 11.59 21.20
C HIS A 108 -16.51 10.86 22.23
N SER A 109 -15.37 11.42 22.58
CA SER A 109 -14.49 10.83 23.56
C SER A 109 -13.43 11.83 23.86
N GLU A 110 -12.90 11.74 25.06
CA GLU A 110 -11.86 12.62 25.46
C GLU A 110 -10.52 11.99 25.15
N ILE A 111 -10.55 10.83 24.51
CA ILE A 111 -9.32 10.15 24.14
C ILE A 111 -9.07 10.42 22.68
N PRO A 112 -8.00 11.14 22.36
CA PRO A 112 -7.74 11.41 20.95
C PRO A 112 -7.28 10.16 20.17
N VAL A 113 -7.60 10.13 18.88
CA VAL A 113 -7.25 9.02 18.01
C VAL A 113 -6.68 9.62 16.73
N GLU A 114 -5.51 9.14 16.34
CA GLU A 114 -4.85 9.55 15.11
C GLU A 114 -4.78 8.33 14.24
N ILE A 115 -5.31 8.43 13.02
CA ILE A 115 -5.32 7.31 12.12
C ILE A 115 -4.38 7.63 10.98
N LEU A 116 -3.42 6.75 10.73
CA LEU A 116 -2.44 6.98 9.72
C LEU A 116 -2.59 6.00 8.58
N CYS A 117 -2.24 6.48 7.38
CA CYS A 117 -2.28 5.67 6.17
C CYS A 117 -0.84 5.26 5.84
N ASN A 118 -0.36 4.21 6.45
CA ASN A 118 0.98 3.72 6.18
C ASN A 118 1.00 2.23 6.20
N ASP A 119 2.15 1.70 5.92
CA ASP A 119 2.35 0.30 5.96
C ASP A 119 2.95 -0.02 7.35
N ILE A 120 2.26 -0.82 8.13
CA ILE A 120 2.71 -1.22 9.48
C ILE A 120 4.19 -1.60 9.60
N ARG A 121 4.81 -2.04 8.51
CA ARG A 121 6.20 -2.44 8.65
C ARG A 121 7.17 -1.27 8.83
N HIS A 122 6.70 -0.07 8.55
CA HIS A 122 7.51 1.15 8.61
C HIS A 122 7.17 2.10 9.74
N VAL A 123 6.09 1.87 10.46
CA VAL A 123 5.73 2.79 11.53
C VAL A 123 6.49 2.61 12.82
N GLU A 124 6.53 3.66 13.60
CA GLU A 124 7.20 3.59 14.87
C GLU A 124 6.19 3.16 15.94
N ILE A 125 6.66 2.44 16.96
CA ILE A 125 5.78 2.03 18.04
C ILE A 125 6.55 2.44 19.26
N LYS A 126 5.96 3.28 20.08
CA LYS A 126 6.61 3.74 21.31
C LYS A 126 5.65 3.98 22.47
N ASN A 127 6.14 3.80 23.69
CA ASN A 127 5.36 4.02 24.91
C ASN A 127 3.97 3.36 24.85
N ALA A 128 3.90 2.13 24.33
CA ALA A 128 2.62 1.46 24.21
C ALA A 128 2.30 0.55 25.40
N SER A 129 1.06 0.60 25.84
CA SER A 129 0.61 -0.29 26.90
C SER A 129 -0.15 -1.39 26.18
N MSE A 130 -0.61 -1.12 24.96
CA MSE A 130 -1.37 -2.11 24.19
C MSE A 130 -1.19 -2.03 22.68
O MSE A 130 -1.19 -0.97 22.10
CB MSE A 130 -2.87 -1.96 24.51
CG MSE A 130 -3.76 -3.15 24.05
SE MSE A 130 -5.64 -2.97 24.34
CE MSE A 130 -5.71 -1.23 23.85
N VAL A 131 -0.98 -3.15 22.03
CA VAL A 131 -0.89 -3.15 20.57
C VAL A 131 -1.85 -4.23 20.07
N ILE A 132 -2.57 -3.92 19.03
CA ILE A 132 -3.54 -4.83 18.46
C ILE A 132 -3.24 -5.20 17.02
N LEU A 133 -3.11 -6.49 16.75
CA LEU A 133 -2.88 -6.97 15.41
C LEU A 133 -4.06 -7.89 15.28
N ASN A 134 -5.20 -7.34 14.92
CA ASN A 134 -6.42 -8.12 14.83
C ASN A 134 -6.67 -8.62 13.45
N PHE A 135 -6.14 -9.80 13.14
CA PHE A 135 -6.30 -10.46 11.84
C PHE A 135 -5.55 -9.72 10.77
N THR A 136 -4.38 -9.25 11.12
CA THR A 136 -3.62 -8.48 10.17
C THR A 136 -2.29 -9.09 9.77
N LEU A 137 -1.65 -9.76 10.73
CA LEU A 137 -0.33 -10.34 10.53
C LEU A 137 -0.31 -11.31 9.36
N GLN A 138 -1.39 -12.03 9.21
CA GLN A 138 -1.52 -13.02 8.16
C GLN A 138 -1.40 -12.41 6.79
N PHE A 139 -1.62 -11.11 6.68
CA PHE A 139 -1.53 -10.38 5.42
C PHE A 139 -0.11 -9.83 5.13
N LEU A 140 0.83 -10.07 6.04
CA LEU A 140 2.21 -9.63 5.86
C LEU A 140 2.98 -10.80 5.29
N PRO A 141 4.06 -10.54 4.55
CA PRO A 141 4.81 -11.72 4.04
C PRO A 141 5.36 -12.47 5.26
N PRO A 142 5.31 -13.81 5.23
CA PRO A 142 5.82 -14.50 6.39
C PRO A 142 7.18 -14.07 6.90
N GLU A 143 8.08 -13.70 5.99
CA GLU A 143 9.42 -13.30 6.36
C GLU A 143 9.50 -11.91 6.99
N ASP A 144 8.38 -11.22 7.07
CA ASP A 144 8.31 -9.87 7.64
C ASP A 144 7.74 -9.81 9.06
N ARG A 145 7.16 -10.93 9.48
CA ARG A 145 6.48 -11.05 10.76
C ARG A 145 7.31 -10.97 12.03
N ILE A 146 8.50 -11.52 12.01
CA ILE A 146 9.33 -11.47 13.20
C ILE A 146 9.81 -10.07 13.46
N ALA A 147 10.17 -9.37 12.39
CA ALA A 147 10.67 -8.02 12.49
C ALA A 147 9.59 -7.10 13.05
N LEU A 148 8.35 -7.26 12.54
CA LEU A 148 7.24 -6.45 13.09
C LEU A 148 6.99 -6.73 14.58
N LEU A 149 6.87 -8.02 14.91
CA LEU A 149 6.62 -8.42 16.30
C LEU A 149 7.77 -7.99 17.19
N THR A 150 8.95 -7.90 16.60
CA THR A 150 10.10 -7.49 17.38
C THR A 150 10.00 -5.99 17.67
N LYS A 151 9.58 -5.24 16.67
CA LYS A 151 9.44 -3.80 16.82
C LYS A 151 8.34 -3.54 17.84
N ILE A 152 7.27 -4.34 17.80
CA ILE A 152 6.16 -4.22 18.72
C ILE A 152 6.65 -4.57 20.12
N TYR A 153 7.41 -5.66 20.27
CA TYR A 153 7.92 -5.98 21.59
C TYR A 153 8.77 -4.81 22.11
N GLU A 154 9.60 -4.24 21.27
CA GLU A 154 10.46 -3.15 21.76
C GLU A 154 9.68 -1.87 22.06
N GLY A 155 8.64 -1.60 21.30
CA GLY A 155 7.87 -0.41 21.58
C GLY A 155 6.92 -0.48 22.77
N LEU A 156 6.67 -1.66 23.31
CA LEU A 156 5.74 -1.81 24.43
C LEU A 156 6.48 -1.53 25.70
N ASN A 157 5.77 -0.97 26.67
CA ASN A 157 6.34 -0.72 27.98
C ASN A 157 6.25 -2.02 28.78
N PRO A 158 6.93 -2.08 29.94
CA PRO A 158 6.85 -3.29 30.77
C PRO A 158 5.38 -3.52 31.08
N ASN A 159 4.97 -4.79 31.05
CA ASN A 159 3.60 -5.22 31.32
C ASN A 159 2.61 -4.86 30.20
N GLY A 160 3.15 -4.32 29.11
CA GLY A 160 2.35 -3.97 27.97
C GLY A 160 1.89 -5.25 27.30
N VAL A 161 0.83 -5.13 26.51
CA VAL A 161 0.19 -6.27 25.86
C VAL A 161 -0.01 -6.20 24.34
N LEU A 162 0.27 -7.32 23.66
CA LEU A 162 0.03 -7.46 22.20
C LEU A 162 -1.16 -8.42 22.13
N VAL A 163 -2.22 -7.99 21.47
CA VAL A 163 -3.37 -8.85 21.31
C VAL A 163 -3.20 -9.32 19.84
N LEU A 164 -3.06 -10.62 19.62
CA LEU A 164 -2.92 -11.11 18.27
C LEU A 164 -4.00 -12.11 17.83
N SER A 165 -4.95 -11.66 16.99
CA SER A 165 -6.01 -12.51 16.46
C SER A 165 -5.65 -13.01 15.07
N GLU A 166 -5.78 -14.30 14.81
CA GLU A 166 -5.41 -14.82 13.49
C GLU A 166 -6.26 -15.98 13.05
N LYS A 167 -6.15 -16.32 11.76
CA LYS A 167 -6.83 -17.52 11.31
C LYS A 167 -5.71 -18.51 11.45
N PHE A 168 -5.97 -19.64 12.08
CA PHE A 168 -4.91 -20.58 12.22
C PHE A 168 -4.98 -21.77 11.32
N ARG A 169 -3.80 -22.35 11.08
CA ARG A 169 -3.74 -23.60 10.36
C ARG A 169 -3.35 -24.60 11.47
N PHE A 170 -3.67 -25.87 11.22
CA PHE A 170 -3.38 -26.94 12.17
C PHE A 170 -2.52 -28.02 11.53
N GLU A 171 -1.36 -28.28 12.14
CA GLU A 171 -0.45 -29.28 11.65
C GLU A 171 -1.17 -30.59 11.32
N ASP A 172 -2.14 -30.98 12.15
CA ASP A 172 -2.89 -32.24 11.94
C ASP A 172 -3.97 -32.11 10.85
N THR A 173 -3.63 -32.63 9.69
CA THR A 173 -4.48 -32.60 8.52
C THR A 173 -5.92 -32.87 8.71
N LYS A 174 -6.22 -33.93 9.42
CA LYS A 174 -7.60 -34.31 9.63
C LYS A 174 -8.33 -33.25 10.44
N ILE A 175 -7.66 -32.73 11.47
CA ILE A 175 -8.26 -31.69 12.29
C ILE A 175 -8.42 -30.40 11.49
N ASN A 176 -7.40 -30.06 10.70
CA ASN A 176 -7.45 -28.86 9.88
C ASN A 176 -8.68 -28.90 8.96
N HIS A 177 -8.99 -30.08 8.43
CA HIS A 177 -10.16 -30.16 7.55
C HIS A 177 -11.44 -30.09 8.32
N LEU A 178 -11.44 -30.76 9.48
CA LEU A 178 -12.64 -30.71 10.32
C LEU A 178 -12.98 -29.27 10.63
N LEU A 179 -11.97 -28.50 11.04
CA LEU A 179 -12.22 -27.12 11.39
C LEU A 179 -12.57 -26.24 10.21
N ILE A 180 -11.92 -26.47 9.07
CA ILE A 180 -12.23 -25.67 7.86
C ILE A 180 -13.70 -25.89 7.47
N ASP A 181 -14.15 -27.14 7.62
CA ASP A 181 -15.54 -27.50 7.32
C ASP A 181 -16.50 -26.76 8.25
N LEU A 182 -16.19 -26.76 9.56
CA LEU A 182 -17.04 -26.07 10.52
C LEU A 182 -17.06 -24.61 10.14
N HIS A 183 -15.91 -24.10 9.70
CA HIS A 183 -15.86 -22.73 9.24
C HIS A 183 -16.77 -22.54 7.99
N HIS A 184 -16.77 -23.50 7.08
CA HIS A 184 -17.68 -23.37 5.91
C HIS A 184 -19.15 -23.52 6.33
N GLN A 185 -19.44 -24.32 7.35
CA GLN A 185 -20.84 -24.46 7.82
C GLN A 185 -21.31 -23.09 8.38
N PHE A 186 -20.42 -22.39 9.08
CA PHE A 186 -20.72 -21.06 9.67
C PHE A 186 -20.95 -20.02 8.59
N LYS A 187 -20.07 -20.00 7.60
CA LYS A 187 -20.19 -19.04 6.50
C LYS A 187 -21.52 -19.20 5.78
N ARG A 188 -21.94 -20.46 5.58
CA ARG A 188 -23.17 -20.77 4.90
C ARG A 188 -24.33 -20.32 5.74
N ALA A 189 -24.29 -20.71 7.01
CA ALA A 189 -25.34 -20.34 7.97
C ALA A 189 -25.60 -18.86 7.95
N ASN A 190 -24.55 -18.07 7.71
CA ASN A 190 -24.66 -16.61 7.69
C ASN A 190 -24.90 -15.99 6.31
N GLY A 191 -25.02 -16.85 5.29
CA GLY A 191 -25.23 -16.36 3.95
C GLY A 191 -24.04 -15.62 3.41
N TYR A 192 -22.85 -16.13 3.69
CA TYR A 192 -21.65 -15.47 3.21
C TYR A 192 -21.66 -15.30 1.67
N SER A 193 -22.07 -16.34 0.94
CA SER A 193 -22.03 -16.23 -0.54
C SER A 193 -22.93 -15.15 -1.16
N GLU A 194 -23.78 -14.52 -0.37
CA GLU A 194 -24.62 -13.47 -0.89
C GLU A 194 -23.79 -12.24 -1.23
N LEU A 195 -22.61 -12.12 -0.60
CA LEU A 195 -21.78 -10.94 -0.84
C LEU A 195 -21.09 -11.01 -2.19
N GLU A 196 -21.03 -9.88 -2.87
CA GLU A 196 -20.42 -9.80 -4.16
C GLU A 196 -18.94 -10.17 -4.05
N VAL A 197 -18.26 -9.62 -3.04
CA VAL A 197 -16.80 -9.84 -2.74
C VAL A 197 -16.51 -11.28 -2.29
N SER A 198 -17.56 -12.03 -2.00
CA SER A 198 -17.51 -13.39 -1.51
C SER A 198 -16.46 -14.31 -2.14
N GLN A 199 -16.38 -14.35 -3.46
CA GLN A 199 -15.46 -15.24 -4.11
C GLN A 199 -14.02 -14.78 -4.18
N LYS A 200 -13.81 -13.50 -4.50
CA LYS A 200 -12.44 -12.96 -4.53
C LYS A 200 -11.87 -13.17 -3.12
N ARG A 201 -12.66 -12.83 -2.13
CA ARG A 201 -12.28 -12.99 -0.74
C ARG A 201 -11.93 -14.46 -0.48
N THR A 202 -12.81 -15.37 -0.88
CA THR A 202 -12.54 -16.78 -0.64
C THR A 202 -11.27 -17.22 -1.38
N ALA A 203 -10.95 -16.62 -2.52
CA ALA A 203 -9.75 -17.04 -3.23
C ALA A 203 -8.53 -16.59 -2.42
N LEU A 204 -8.61 -15.41 -1.82
CA LEU A 204 -7.50 -14.91 -1.03
C LEU A 204 -7.19 -15.83 0.16
N GLU A 205 -8.21 -16.22 0.92
CA GLU A 205 -7.95 -17.09 2.05
C GLU A 205 -7.29 -18.38 1.61
N ASN A 206 -7.65 -18.89 0.43
CA ASN A 206 -7.06 -20.15 -0.06
C ASN A 206 -5.53 -20.07 -0.19
N VAL A 207 -5.03 -18.89 -0.53
CA VAL A 207 -3.60 -18.70 -0.73
C VAL A 207 -2.89 -17.97 0.42
N MSE A 208 -3.64 -17.63 1.46
CA MSE A 208 -3.10 -16.92 2.62
C MSE A 208 -2.12 -17.80 3.42
O MSE A 208 -2.41 -18.96 3.69
CB MSE A 208 -4.27 -16.45 3.49
CG MSE A 208 -3.92 -15.43 4.53
SE MSE A 208 -5.53 -14.70 5.28
CE MSE A 208 -5.95 -16.10 6.51
N ARG A 209 -0.95 -17.28 3.78
CA ARG A 209 -0.01 -18.12 4.51
C ARG A 209 -0.23 -17.93 5.99
N THR A 210 -1.05 -18.80 6.57
CA THR A 210 -1.39 -18.74 7.99
C THR A 210 -0.47 -19.63 8.76
N ASP A 211 -0.35 -19.36 10.05
CA ASP A 211 0.51 -20.12 10.97
C ASP A 211 -0.30 -20.92 11.98
N SER A 212 0.29 -21.94 12.59
CA SER A 212 -0.43 -22.70 13.57
C SER A 212 -0.37 -21.89 14.86
N ILE A 213 -1.13 -22.31 15.87
CA ILE A 213 -1.14 -21.61 17.16
C ILE A 213 0.21 -21.76 17.85
N GLU A 214 0.78 -22.95 17.71
CA GLU A 214 2.07 -23.21 18.30
C GLU A 214 3.17 -22.35 17.67
N THR A 215 3.09 -22.16 16.35
CA THR A 215 4.07 -21.34 15.66
C THR A 215 4.00 -19.90 16.20
N HIS A 216 2.79 -19.40 16.36
CA HIS A 216 2.58 -18.08 16.89
C HIS A 216 3.16 -17.87 18.29
N LYS A 217 2.89 -18.84 19.17
CA LYS A 217 3.38 -18.79 20.54
C LYS A 217 4.88 -18.84 20.60
N VAL A 218 5.48 -19.80 19.91
CA VAL A 218 6.96 -19.94 19.94
C VAL A 218 7.70 -18.67 19.46
N ARG A 219 7.14 -18.03 18.44
CA ARG A 219 7.70 -16.82 17.84
C ARG A 219 7.51 -15.65 18.77
N LEU A 220 6.37 -15.59 19.44
CA LEU A 220 6.13 -14.50 20.36
C LEU A 220 7.12 -14.63 21.51
N LYS A 221 7.28 -15.87 22.02
CA LYS A 221 8.26 -16.08 23.07
C LYS A 221 9.69 -15.76 22.62
N ASN A 222 10.06 -16.08 21.40
CA ASN A 222 11.41 -15.81 20.96
C ASN A 222 11.70 -14.33 20.85
N VAL A 223 10.69 -13.55 20.54
CA VAL A 223 10.85 -12.10 20.47
C VAL A 223 11.10 -11.58 21.89
N GLY A 224 10.66 -12.29 22.92
CA GLY A 224 10.90 -11.81 24.28
C GLY A 224 9.71 -11.73 25.23
N PHE A 225 8.50 -11.85 24.72
CA PHE A 225 7.40 -11.79 25.66
C PHE A 225 7.47 -12.88 26.71
N SER A 226 7.15 -12.46 27.93
CA SER A 226 7.13 -13.30 29.12
C SER A 226 5.90 -14.21 29.16
N GLN A 227 4.71 -13.62 29.06
CA GLN A 227 3.51 -14.43 29.05
C GLN A 227 2.96 -14.44 27.64
N VAL A 228 2.61 -15.63 27.19
CA VAL A 228 2.05 -15.84 25.89
C VAL A 228 0.99 -16.93 25.97
N GLU A 229 -0.24 -16.59 25.63
CA GLU A 229 -1.28 -17.59 25.69
C GLU A 229 -2.46 -17.27 24.79
N LEU A 230 -3.08 -18.33 24.29
CA LEU A 230 -4.26 -18.26 23.49
C LEU A 230 -5.37 -18.00 24.51
N TRP A 231 -6.22 -17.00 24.30
CA TRP A 231 -7.31 -16.73 25.25
C TRP A 231 -8.67 -16.86 24.58
N PHE A 232 -8.68 -17.19 23.31
CA PHE A 232 -9.96 -17.30 22.60
C PHE A 232 -9.82 -18.15 21.36
N GLN A 233 -10.87 -18.91 21.06
CA GLN A 233 -10.82 -19.69 19.83
C GLN A 233 -12.22 -20.12 19.48
N CYS A 234 -12.47 -20.22 18.19
CA CYS A 234 -13.73 -20.72 17.68
C CYS A 234 -13.36 -21.35 16.35
N PHE A 235 -13.38 -22.69 16.29
CA PHE A 235 -12.95 -23.41 15.08
C PHE A 235 -11.49 -23.03 14.77
N ASN A 236 -11.23 -22.56 13.56
CA ASN A 236 -9.88 -22.20 13.14
C ASN A 236 -9.50 -20.75 13.23
N PHE A 237 -10.23 -20.01 14.05
CA PHE A 237 -9.90 -18.62 14.27
C PHE A 237 -9.73 -18.44 15.78
N GLY A 238 -8.86 -17.55 16.17
CA GLY A 238 -8.67 -17.28 17.56
C GLY A 238 -7.85 -16.07 17.84
N SER A 239 -7.52 -15.88 19.11
CA SER A 239 -6.74 -14.73 19.48
C SER A 239 -5.84 -15.07 20.68
N MSE A 240 -4.67 -14.46 20.70
CA MSE A 240 -3.82 -14.69 21.81
C MSE A 240 -3.36 -13.37 22.42
O MSE A 240 -3.69 -12.29 21.92
CB MSE A 240 -2.64 -15.60 21.42
CG MSE A 240 -2.19 -15.50 20.02
SE MSE A 240 -1.14 -17.04 19.54
CE MSE A 240 0.24 -16.77 20.51
N ILE A 241 -2.67 -13.47 23.54
CA ILE A 241 -2.12 -12.29 24.23
C ILE A 241 -0.67 -12.56 24.57
N ALA A 242 0.18 -11.55 24.41
CA ALA A 242 1.58 -11.67 24.79
C ALA A 242 1.85 -10.46 25.71
N VAL A 243 2.29 -10.73 26.93
CA VAL A 243 2.53 -9.67 27.88
C VAL A 243 4.03 -9.43 28.02
N LYS A 244 4.48 -8.20 27.83
CA LYS A 244 5.91 -7.95 27.96
C LYS A 244 6.29 -8.03 29.41
N PHE B 22 2.96 -8.04 -14.79
CA PHE B 22 4.30 -7.77 -14.16
C PHE B 22 4.70 -8.85 -13.16
N ASP B 23 5.12 -10.02 -13.67
CA ASP B 23 5.54 -11.12 -12.80
C ASP B 23 7.01 -10.90 -12.49
N GLU B 24 7.68 -11.89 -11.93
CA GLU B 24 9.09 -11.73 -11.61
C GLU B 24 9.94 -11.71 -12.88
N ASN B 25 9.38 -12.11 -14.00
CA ASN B 25 10.14 -12.09 -15.26
C ASN B 25 10.23 -10.69 -15.76
N VAL B 26 9.06 -10.10 -16.03
CA VAL B 26 8.96 -8.71 -16.47
C VAL B 26 9.75 -7.78 -15.53
N ALA B 27 9.73 -8.08 -14.22
CA ALA B 27 10.47 -7.29 -13.22
C ALA B 27 11.96 -7.49 -13.41
N GLU B 28 12.35 -8.69 -13.80
CA GLU B 28 13.76 -9.02 -14.03
C GLU B 28 14.28 -8.31 -15.30
N VAL B 29 13.48 -8.37 -16.38
CA VAL B 29 13.81 -7.76 -17.69
C VAL B 29 13.59 -6.24 -17.86
N PHE B 30 12.73 -5.67 -17.02
CA PHE B 30 12.33 -4.26 -17.08
C PHE B 30 13.28 -3.22 -17.65
N PRO B 31 14.45 -2.99 -17.00
CA PRO B 31 15.34 -1.96 -17.57
C PRO B 31 15.69 -2.20 -19.04
N ASP B 32 15.96 -3.43 -19.44
CA ASP B 32 16.24 -3.67 -20.85
C ASP B 32 14.96 -3.50 -21.68
N MSE B 33 13.87 -4.07 -21.18
CA MSE B 33 12.62 -3.97 -21.87
C MSE B 33 12.23 -2.53 -22.20
O MSE B 33 11.94 -2.20 -23.37
CB MSE B 33 11.52 -4.64 -21.07
CG MSE B 33 10.16 -4.44 -21.72
SE MSE B 33 8.76 -5.08 -20.63
CE MSE B 33 8.27 -3.37 -19.89
N ILE B 34 12.23 -1.68 -21.19
CA ILE B 34 11.83 -0.28 -21.38
C ILE B 34 12.86 0.53 -22.20
N GLN B 35 14.13 0.20 -22.06
CA GLN B 35 15.15 0.91 -22.83
C GLN B 35 14.99 0.63 -24.34
N ARG B 36 14.54 -0.60 -24.69
CA ARG B 36 14.38 -0.94 -26.10
C ARG B 36 13.07 -0.51 -26.64
N SER B 37 12.14 -0.11 -25.75
CA SER B 37 10.82 0.27 -26.24
C SER B 37 10.32 1.67 -26.01
N VAL B 38 10.92 2.44 -25.11
CA VAL B 38 10.44 3.80 -24.89
C VAL B 38 11.49 4.74 -25.41
N PRO B 39 11.20 5.39 -26.54
CA PRO B 39 12.22 6.29 -27.06
C PRO B 39 12.36 7.47 -26.14
N GLY B 40 13.62 7.81 -25.84
CA GLY B 40 13.95 8.93 -24.97
C GLY B 40 13.89 8.65 -23.47
N TYR B 41 13.60 7.40 -23.13
CA TYR B 41 13.47 7.07 -21.71
C TYR B 41 14.53 7.60 -20.73
N SER B 42 15.82 7.36 -21.01
CA SER B 42 16.89 7.78 -20.12
C SER B 42 16.95 9.31 -20.05
N ASN B 43 16.58 9.97 -21.14
CA ASN B 43 16.55 11.42 -21.18
C ASN B 43 15.55 11.92 -20.19
N ILE B 44 14.39 11.23 -20.12
CA ILE B 44 13.33 11.56 -19.17
C ILE B 44 13.82 11.33 -17.72
N ILE B 45 14.54 10.26 -17.49
CA ILE B 45 15.05 10.02 -16.15
C ILE B 45 16.07 11.13 -15.80
N THR B 46 16.92 11.50 -16.74
CA THR B 46 17.90 12.56 -16.48
C THR B 46 17.22 13.89 -16.15
N ALA B 47 16.22 14.28 -16.95
CA ALA B 47 15.52 15.55 -16.73
C ALA B 47 14.75 15.54 -15.42
N ILE B 48 14.33 14.35 -14.97
CA ILE B 48 13.62 14.25 -13.67
C ILE B 48 14.61 14.73 -12.57
N GLY B 49 15.89 14.34 -12.68
CA GLY B 49 16.86 14.80 -11.71
C GLY B 49 17.00 16.32 -11.74
N MSE B 50 16.99 16.89 -12.95
CA MSE B 50 17.10 18.32 -13.10
C MSE B 50 15.90 18.99 -12.47
O MSE B 50 16.02 20.05 -11.88
CB MSE B 50 17.21 18.68 -14.57
CG MSE B 50 18.51 18.20 -15.24
SE MSE B 50 18.41 18.21 -17.21
CE MSE B 50 18.69 20.03 -17.44
N LEU B 51 14.72 18.38 -12.58
CA LEU B 51 13.54 18.98 -11.99
C LEU B 51 13.53 18.90 -10.49
N ALA B 52 13.99 17.77 -9.95
CA ALA B 52 14.01 17.57 -8.50
C ALA B 52 14.87 18.61 -7.79
N GLU B 53 15.88 19.05 -8.51
CA GLU B 53 16.84 20.02 -8.02
C GLU B 53 16.24 21.43 -7.96
N ARG B 54 15.24 21.71 -8.80
CA ARG B 54 14.60 23.00 -8.81
C ARG B 54 13.34 22.98 -7.97
N PHE B 55 12.67 21.84 -7.91
CA PHE B 55 11.41 21.82 -7.19
C PHE B 55 11.30 21.22 -5.82
N VAL B 56 12.17 20.28 -5.48
CA VAL B 56 12.06 19.61 -4.19
C VAL B 56 12.49 20.52 -3.05
N THR B 57 11.58 20.73 -2.09
CA THR B 57 11.89 21.62 -0.96
C THR B 57 12.16 20.82 0.31
N ALA B 58 12.85 21.47 1.24
CA ALA B 58 13.17 20.92 2.55
C ALA B 58 11.88 20.53 3.23
N ASP B 59 11.92 19.55 4.11
CA ASP B 59 10.70 19.17 4.83
C ASP B 59 9.54 18.78 3.92
N SER B 60 9.76 17.93 2.93
CA SER B 60 8.66 17.54 2.07
C SER B 60 8.94 16.13 1.58
N ASN B 61 7.95 15.55 0.95
CA ASN B 61 8.05 14.22 0.42
C ASN B 61 8.11 14.23 -1.11
N VAL B 62 8.68 13.18 -1.67
CA VAL B 62 8.79 13.00 -3.09
C VAL B 62 8.12 11.65 -3.30
N TYR B 63 7.17 11.57 -4.22
CA TYR B 63 6.50 10.33 -4.48
C TYR B 63 6.82 9.87 -5.85
N ASP B 64 6.99 8.56 -6.01
CA ASP B 64 7.25 7.99 -7.32
C ASP B 64 6.19 6.89 -7.48
N LEU B 65 5.11 7.21 -8.18
CA LEU B 65 4.01 6.27 -8.36
C LEU B 65 4.22 5.34 -9.56
N GLY B 66 4.34 4.06 -9.25
CA GLY B 66 4.62 3.07 -10.27
C GLY B 66 6.12 3.26 -10.47
N CYS B 67 6.89 3.05 -9.40
CA CYS B 67 8.32 3.30 -9.39
C CYS B 67 9.18 2.26 -10.04
N SER B 68 8.62 1.07 -10.26
CA SER B 68 9.34 -0.05 -10.88
C SER B 68 10.62 -0.45 -10.17
N ARG B 69 11.77 -0.27 -10.84
CA ARG B 69 13.09 -0.62 -10.29
C ARG B 69 13.73 0.61 -9.61
N GLY B 70 12.97 1.69 -9.62
CA GLY B 70 13.47 2.91 -9.02
C GLY B 70 14.50 3.78 -9.78
N ALA B 71 14.36 3.87 -11.09
CA ALA B 71 15.32 4.71 -11.86
C ALA B 71 15.03 6.19 -11.60
N ALA B 72 13.75 6.54 -11.64
CA ALA B 72 13.35 7.92 -11.39
C ALA B 72 13.60 8.28 -9.91
N THR B 73 13.33 7.34 -8.98
CA THR B 73 13.56 7.58 -7.56
C THR B 73 14.98 7.97 -7.28
N LEU B 74 15.93 7.18 -7.80
CA LEU B 74 17.36 7.43 -7.65
C LEU B 74 17.83 8.67 -8.38
N SER B 75 17.24 8.94 -9.54
CA SER B 75 17.65 10.13 -10.28
C SER B 75 17.22 11.38 -9.45
N ALA B 76 16.02 11.32 -8.86
CA ALA B 76 15.57 12.41 -8.01
C ALA B 76 16.47 12.53 -6.80
N ARG B 77 16.63 11.40 -6.09
CA ARG B 77 17.41 11.34 -4.87
C ARG B 77 18.82 11.93 -4.98
N ARG B 78 19.52 11.62 -6.07
CA ARG B 78 20.86 12.12 -6.36
C ARG B 78 20.96 13.60 -6.63
N ASN B 79 19.82 14.26 -6.86
CA ASN B 79 19.85 15.66 -7.21
C ASN B 79 19.21 16.57 -6.20
N ILE B 80 18.80 15.98 -5.08
CA ILE B 80 18.12 16.71 -4.01
C ILE B 80 19.12 17.10 -2.98
N ASN B 81 19.26 18.40 -2.75
CA ASN B 81 20.19 18.85 -1.71
C ASN B 81 19.39 19.62 -0.66
N GLN B 82 18.43 18.97 -0.03
CA GLN B 82 17.59 19.63 0.96
C GLN B 82 17.46 18.77 2.19
N PRO B 83 17.32 19.40 3.37
CA PRO B 83 17.17 18.70 4.63
C PRO B 83 15.74 18.22 4.84
N ASN B 84 15.59 17.12 5.58
CA ASN B 84 14.27 16.59 5.86
C ASN B 84 13.40 16.31 4.62
N VAL B 85 13.93 15.47 3.73
CA VAL B 85 13.18 15.12 2.54
C VAL B 85 13.03 13.62 2.56
N LYS B 86 11.82 13.11 2.38
CA LYS B 86 11.67 11.68 2.35
C LYS B 86 11.17 11.31 0.97
N ILE B 87 11.67 10.23 0.40
CA ILE B 87 11.13 9.81 -0.89
C ILE B 87 10.43 8.47 -0.69
N ILE B 88 9.24 8.35 -1.27
CA ILE B 88 8.38 7.18 -1.19
C ILE B 88 8.11 6.66 -2.60
N GLY B 89 8.36 5.38 -2.84
CA GLY B 89 8.11 4.84 -4.15
C GLY B 89 7.03 3.81 -3.92
N ILE B 90 6.11 3.70 -4.87
CA ILE B 90 5.02 2.77 -4.76
C ILE B 90 4.80 1.95 -6.05
N ASP B 91 4.59 0.65 -5.90
CA ASP B 91 4.35 -0.23 -7.03
C ASP B 91 3.47 -1.35 -6.50
N ASN B 92 2.45 -1.73 -7.24
CA ASN B 92 1.57 -2.77 -6.74
C ASN B 92 2.11 -4.17 -7.04
N SER B 93 3.36 -4.24 -7.53
CA SER B 93 3.99 -5.52 -7.82
C SER B 93 5.07 -5.82 -6.78
N GLN B 94 4.90 -6.91 -6.03
CA GLN B 94 5.88 -7.25 -5.02
C GLN B 94 7.25 -7.49 -5.63
N PRO B 95 7.30 -8.26 -6.75
CA PRO B 95 8.60 -8.53 -7.37
C PRO B 95 9.37 -7.24 -7.71
N MSE B 96 8.67 -6.29 -8.32
CA MSE B 96 9.24 -4.99 -8.65
C MSE B 96 9.73 -4.32 -7.32
O MSE B 96 10.89 -3.88 -7.20
CB MSE B 96 8.13 -4.17 -9.34
CG MSE B 96 8.60 -3.14 -10.37
SE MSE B 96 9.65 -3.88 -11.80
CE MSE B 96 8.35 -3.74 -13.22
N VAL B 97 8.86 -4.31 -6.29
CA VAL B 97 9.15 -3.73 -4.98
C VAL B 97 10.39 -4.33 -4.29
N GLU B 98 10.52 -5.64 -4.41
CA GLU B 98 11.64 -6.32 -3.82
C GLU B 98 12.89 -5.89 -4.51
N ARG B 99 12.88 -5.92 -5.84
CA ARG B 99 14.03 -5.52 -6.58
C ARG B 99 14.31 -4.07 -6.34
N CYS B 100 13.27 -3.24 -6.46
CA CYS B 100 13.41 -1.81 -6.26
C CYS B 100 14.10 -1.48 -4.90
N ARG B 101 13.55 -2.03 -3.83
CA ARG B 101 14.09 -1.79 -2.49
C ARG B 101 15.57 -2.19 -2.46
N GLN B 102 15.85 -3.38 -3.00
CA GLN B 102 17.23 -3.87 -3.05
C GLN B 102 18.16 -2.91 -3.85
N HIS B 103 17.70 -2.51 -5.02
CA HIS B 103 18.43 -1.60 -5.91
C HIS B 103 18.77 -0.27 -5.25
N ILE B 104 17.81 0.33 -4.56
CA ILE B 104 18.07 1.61 -3.93
C ILE B 104 19.01 1.44 -2.76
N ALA B 105 18.92 0.31 -2.04
CA ALA B 105 19.79 0.01 -0.89
C ALA B 105 21.28 -0.06 -1.32
N ALA B 106 21.55 -0.46 -2.57
CA ALA B 106 22.91 -0.54 -3.13
C ALA B 106 23.62 0.83 -3.31
N TYR B 107 22.90 1.94 -3.18
CA TYR B 107 23.54 3.26 -3.31
C TYR B 107 23.35 4.04 -2.04
N HIS B 108 24.40 4.75 -1.65
CA HIS B 108 24.38 5.50 -0.43
C HIS B 108 23.98 6.94 -0.56
N SER B 109 23.18 7.41 0.38
CA SER B 109 22.83 8.81 0.36
C SER B 109 22.20 9.11 1.69
N GLU B 110 22.14 10.39 2.07
CA GLU B 110 21.53 10.80 3.34
C GLU B 110 20.01 10.99 3.28
N ILE B 111 19.45 10.98 2.07
CA ILE B 111 18.01 11.14 1.92
C ILE B 111 17.39 9.77 1.98
N PRO B 112 16.51 9.54 2.94
CA PRO B 112 15.84 8.26 3.11
C PRO B 112 14.83 7.98 2.04
N VAL B 113 14.65 6.71 1.72
CA VAL B 113 13.73 6.28 0.69
C VAL B 113 12.89 5.17 1.23
N GLU B 114 11.61 5.18 0.94
CA GLU B 114 10.78 4.13 1.46
C GLU B 114 10.05 3.61 0.26
N ILE B 115 10.17 2.33 0.00
CA ILE B 115 9.45 1.76 -1.12
C ILE B 115 8.37 0.89 -0.57
N LEU B 116 7.14 1.18 -0.98
CA LEU B 116 5.99 0.46 -0.46
C LEU B 116 5.24 -0.29 -1.53
N CYS B 117 4.80 -1.52 -1.24
CA CYS B 117 4.03 -2.29 -2.22
C CYS B 117 2.56 -1.97 -2.07
N ASN B 118 1.96 -1.32 -3.05
CA ASN B 118 0.57 -0.97 -2.92
C ASN B 118 0.00 -0.48 -4.22
N ASP B 119 -1.33 -0.40 -4.26
CA ASP B 119 -1.98 0.11 -5.45
C ASP B 119 -1.94 1.63 -5.32
N ILE B 120 -1.48 2.26 -6.37
CA ILE B 120 -1.30 3.69 -6.45
C ILE B 120 -2.56 4.45 -6.17
N ARG B 121 -3.70 3.84 -6.47
CA ARG B 121 -4.96 4.50 -6.19
C ARG B 121 -5.34 4.50 -4.70
N HIS B 122 -4.64 3.70 -3.88
CA HIS B 122 -4.99 3.63 -2.45
C HIS B 122 -3.97 4.16 -1.47
N VAL B 123 -2.95 4.88 -1.95
CA VAL B 123 -1.99 5.48 -1.03
C VAL B 123 -2.41 6.92 -0.88
N GLU B 124 -1.95 7.52 0.22
CA GLU B 124 -2.24 8.89 0.56
C GLU B 124 -1.06 9.76 0.16
N ILE B 125 -1.33 10.90 -0.46
CA ILE B 125 -0.28 11.78 -0.86
C ILE B 125 -0.30 13.04 0.00
N LYS B 126 0.75 13.28 0.75
CA LYS B 126 0.75 14.46 1.60
C LYS B 126 2.08 15.19 1.65
N ASN B 127 2.00 16.49 1.85
CA ASN B 127 3.19 17.30 1.93
C ASN B 127 4.22 17.03 0.83
N ALA B 128 3.79 16.96 -0.44
CA ALA B 128 4.74 16.67 -1.50
C ALA B 128 5.23 17.83 -2.30
N SER B 129 6.52 17.83 -2.56
CA SER B 129 7.09 18.88 -3.37
C SER B 129 7.24 18.31 -4.81
N MSE B 130 7.10 16.99 -4.97
CA MSE B 130 7.26 16.42 -6.31
C MSE B 130 6.59 15.07 -6.41
O MSE B 130 6.59 14.29 -5.46
CB MSE B 130 8.75 16.31 -6.67
CG MSE B 130 9.07 15.73 -8.09
SE MSE B 130 10.88 15.59 -8.57
CE MSE B 130 11.11 13.82 -8.16
N VAL B 131 5.97 14.82 -7.55
CA VAL B 131 5.32 13.55 -7.73
C VAL B 131 5.65 13.06 -9.16
N ILE B 132 6.06 11.80 -9.28
CA ILE B 132 6.43 11.20 -10.54
C ILE B 132 5.44 10.10 -10.95
N LEU B 133 4.89 10.22 -12.16
CA LEU B 133 3.94 9.26 -12.75
C LEU B 133 4.55 8.95 -14.11
N ASN B 134 5.50 8.05 -14.08
CA ASN B 134 6.24 7.67 -15.29
C ASN B 134 5.68 6.39 -15.92
N PHE B 135 4.98 6.57 -17.04
CA PHE B 135 4.39 5.44 -17.76
C PHE B 135 3.54 4.55 -16.86
N THR B 136 2.83 5.17 -15.92
CA THR B 136 2.01 4.39 -15.03
C THR B 136 0.53 4.70 -15.15
N LEU B 137 0.19 5.99 -15.26
CA LEU B 137 -1.21 6.39 -15.39
C LEU B 137 -1.96 5.62 -16.47
N GLN B 138 -1.23 5.24 -17.51
CA GLN B 138 -1.81 4.52 -18.64
C GLN B 138 -2.27 3.10 -18.31
N PHE B 139 -1.87 2.59 -17.16
CA PHE B 139 -2.28 1.25 -16.77
C PHE B 139 -3.51 1.26 -15.86
N LEU B 140 -4.00 2.44 -15.51
CA LEU B 140 -5.17 2.54 -14.66
C LEU B 140 -6.38 2.72 -15.58
N PRO B 141 -7.56 2.23 -15.15
CA PRO B 141 -8.76 2.38 -15.97
C PRO B 141 -8.97 3.87 -16.24
N PRO B 142 -9.35 4.26 -17.48
CA PRO B 142 -9.54 5.68 -17.76
C PRO B 142 -10.39 6.47 -16.73
N GLU B 143 -11.36 5.80 -16.13
CA GLU B 143 -12.26 6.36 -15.12
C GLU B 143 -11.67 6.78 -13.76
N ASP B 144 -10.49 6.27 -13.43
CA ASP B 144 -9.85 6.57 -12.15
C ASP B 144 -8.76 7.60 -12.30
N ARG B 145 -8.33 7.84 -13.54
CA ARG B 145 -7.26 8.78 -13.80
C ARG B 145 -7.48 10.14 -13.25
N ILE B 146 -8.68 10.70 -13.44
CA ILE B 146 -8.92 12.04 -12.91
C ILE B 146 -8.90 11.99 -11.39
N ALA B 147 -9.52 10.94 -10.86
CA ALA B 147 -9.53 10.77 -9.41
C ALA B 147 -8.07 10.76 -8.86
N LEU B 148 -7.17 10.05 -9.52
CA LEU B 148 -5.79 9.99 -9.06
C LEU B 148 -5.05 11.30 -9.22
N LEU B 149 -5.32 12.03 -10.31
CA LEU B 149 -4.60 13.29 -10.49
C LEU B 149 -5.02 14.34 -9.50
N THR B 150 -6.30 14.26 -9.10
CA THR B 150 -6.93 15.15 -8.15
C THR B 150 -6.33 14.84 -6.80
N LYS B 151 -6.15 13.55 -6.49
CA LYS B 151 -5.50 13.21 -5.22
C LYS B 151 -4.08 13.82 -5.14
N ILE B 152 -3.33 13.73 -6.25
CA ILE B 152 -1.97 14.25 -6.38
C ILE B 152 -1.92 15.76 -6.24
N TYR B 153 -2.80 16.44 -6.96
CA TYR B 153 -2.91 17.88 -6.92
C TYR B 153 -3.13 18.33 -5.50
N GLU B 154 -4.02 17.62 -4.81
CA GLU B 154 -4.31 17.96 -3.43
C GLU B 154 -3.12 17.68 -2.56
N GLY B 155 -2.43 16.58 -2.81
CA GLY B 155 -1.30 16.24 -1.97
C GLY B 155 -0.09 17.11 -2.19
N LEU B 156 0.06 17.75 -3.36
CA LEU B 156 1.25 18.58 -3.56
C LEU B 156 1.11 19.92 -2.83
N ASN B 157 2.25 20.48 -2.46
CA ASN B 157 2.27 21.77 -1.83
C ASN B 157 2.33 22.85 -2.88
N PRO B 158 2.02 24.10 -2.49
CA PRO B 158 2.10 25.16 -3.48
C PRO B 158 3.48 25.11 -4.16
N ASN B 159 3.44 25.28 -5.48
CA ASN B 159 4.60 25.24 -6.35
C ASN B 159 5.25 23.88 -6.48
N GLY B 160 4.61 22.82 -6.02
CA GLY B 160 5.18 21.51 -6.21
C GLY B 160 4.93 21.07 -7.66
N VAL B 161 5.65 20.03 -8.12
CA VAL B 161 5.51 19.56 -9.48
C VAL B 161 5.09 18.16 -9.59
N LEU B 162 4.37 17.90 -10.66
CA LEU B 162 3.92 16.59 -11.05
C LEU B 162 4.60 16.32 -12.41
N VAL B 163 5.37 15.24 -12.50
CA VAL B 163 5.98 14.86 -13.76
C VAL B 163 5.18 13.67 -14.23
N LEU B 164 4.55 13.85 -15.38
CA LEU B 164 3.74 12.82 -15.98
C LEU B 164 4.32 12.42 -17.34
N SER B 165 4.79 11.19 -17.46
CA SER B 165 5.30 10.63 -18.70
C SER B 165 4.31 9.59 -19.22
N GLU B 166 4.09 9.54 -20.52
CA GLU B 166 3.13 8.62 -21.06
C GLU B 166 3.23 8.31 -22.58
N LYS B 167 2.66 7.19 -23.01
CA LYS B 167 2.61 6.88 -24.43
C LYS B 167 1.34 7.60 -24.87
N PHE B 168 1.38 8.32 -25.99
CA PHE B 168 0.19 9.04 -26.48
C PHE B 168 -0.49 8.48 -27.73
N ARG B 169 -1.74 8.89 -27.93
CA ARG B 169 -2.39 8.53 -29.17
C ARG B 169 -2.56 9.87 -29.93
N PHE B 170 -2.78 9.80 -31.24
CA PHE B 170 -2.98 11.03 -31.97
C PHE B 170 -4.28 10.98 -32.75
N GLU B 171 -4.95 12.12 -32.74
CA GLU B 171 -6.23 12.31 -33.40
C GLU B 171 -6.18 11.97 -34.88
N ASP B 172 -5.28 12.64 -35.60
CA ASP B 172 -5.08 12.42 -37.02
C ASP B 172 -4.56 10.98 -37.16
N THR B 173 -5.40 10.09 -37.69
CA THR B 173 -5.05 8.71 -37.88
C THR B 173 -3.81 8.45 -38.74
N LYS B 174 -3.55 9.31 -39.72
CA LYS B 174 -2.37 9.09 -40.56
C LYS B 174 -1.10 9.37 -39.72
N ILE B 175 -1.16 10.46 -38.98
CA ILE B 175 -0.05 10.82 -38.13
C ILE B 175 0.13 9.75 -37.07
N ASN B 176 -0.99 9.26 -36.51
CA ASN B 176 -0.94 8.26 -35.47
C ASN B 176 -0.25 7.00 -35.99
N HIS B 177 -0.56 6.62 -37.22
CA HIS B 177 0.09 5.47 -37.86
C HIS B 177 1.57 5.73 -38.18
N LEU B 178 1.91 6.94 -38.62
CA LEU B 178 3.31 7.23 -38.91
C LEU B 178 4.15 7.12 -37.63
N LEU B 179 3.71 7.81 -36.57
CA LEU B 179 4.44 7.79 -35.32
C LEU B 179 4.51 6.37 -34.78
N ILE B 180 3.40 5.63 -34.87
CA ILE B 180 3.42 4.27 -34.39
C ILE B 180 4.45 3.48 -35.15
N ASP B 181 4.48 3.72 -36.47
CA ASP B 181 5.41 3.04 -37.36
C ASP B 181 6.89 3.41 -37.09
N LEU B 182 7.14 4.67 -36.76
CA LEU B 182 8.50 5.10 -36.45
C LEU B 182 8.98 4.42 -35.16
N HIS B 183 8.07 4.29 -34.20
CA HIS B 183 8.38 3.65 -32.93
C HIS B 183 8.72 2.18 -33.19
N HIS B 184 7.92 1.50 -34.03
CA HIS B 184 8.21 0.09 -34.29
C HIS B 184 9.60 -0.10 -34.86
N GLN B 185 10.03 0.87 -35.66
CA GLN B 185 11.34 0.79 -36.27
C GLN B 185 12.39 0.99 -35.19
N PHE B 186 12.04 1.77 -34.17
CA PHE B 186 12.99 2.07 -33.09
C PHE B 186 13.12 0.77 -32.29
N LYS B 187 12.00 0.11 -32.04
CA LYS B 187 12.00 -1.14 -31.30
C LYS B 187 12.81 -2.17 -32.07
N ARG B 188 12.54 -2.25 -33.37
CA ARG B 188 13.26 -3.17 -34.27
C ARG B 188 14.79 -2.85 -34.27
N ALA B 189 15.11 -1.55 -34.33
CA ALA B 189 16.51 -1.17 -34.32
C ALA B 189 17.23 -1.53 -33.01
N ASN B 190 16.48 -1.73 -31.92
CA ASN B 190 17.09 -2.08 -30.62
C ASN B 190 16.88 -3.57 -30.35
N GLY B 191 16.28 -4.29 -31.29
CA GLY B 191 16.09 -5.72 -31.08
C GLY B 191 15.07 -6.04 -30.03
N TYR B 192 14.03 -5.21 -29.90
CA TYR B 192 13.00 -5.44 -28.90
C TYR B 192 12.46 -6.90 -29.00
N SER B 193 12.40 -7.40 -30.21
CA SER B 193 11.89 -8.73 -30.51
C SER B 193 12.66 -9.90 -29.81
N GLU B 194 13.89 -9.62 -29.39
CA GLU B 194 14.73 -10.63 -28.74
C GLU B 194 14.15 -11.00 -27.38
N LEU B 195 13.52 -10.00 -26.71
CA LEU B 195 13.00 -10.25 -25.38
C LEU B 195 11.84 -11.22 -25.44
N GLU B 196 11.91 -12.20 -24.56
CA GLU B 196 10.90 -13.24 -24.44
C GLU B 196 9.54 -12.63 -24.14
N VAL B 197 9.53 -11.52 -23.37
CA VAL B 197 8.26 -10.88 -23.01
C VAL B 197 7.67 -9.95 -24.11
N SER B 198 8.48 -9.63 -25.12
CA SER B 198 8.08 -8.74 -26.20
C SER B 198 6.70 -8.94 -26.79
N GLN B 199 6.30 -10.17 -27.08
CA GLN B 199 5.00 -10.40 -27.68
C GLN B 199 3.81 -10.08 -26.75
N LYS B 200 3.84 -10.56 -25.52
CA LYS B 200 2.77 -10.27 -24.56
C LYS B 200 2.75 -8.80 -24.13
N ARG B 201 3.92 -8.15 -24.15
CA ARG B 201 4.04 -6.74 -23.79
C ARG B 201 3.45 -5.93 -24.93
N THR B 202 3.81 -6.32 -26.14
CA THR B 202 3.31 -5.68 -27.34
C THR B 202 1.79 -5.83 -27.40
N ALA B 203 1.27 -6.96 -26.94
CA ALA B 203 -0.18 -7.17 -26.91
C ALA B 203 -0.81 -6.28 -25.82
N LEU B 204 -0.28 -6.39 -24.60
CA LEU B 204 -0.77 -5.59 -23.48
C LEU B 204 -0.81 -4.10 -23.79
N GLU B 205 0.12 -3.66 -24.66
CA GLU B 205 0.23 -2.24 -25.03
C GLU B 205 -0.70 -1.77 -26.18
N ASN B 206 -1.33 -2.74 -26.85
CA ASN B 206 -2.27 -2.51 -27.96
C ASN B 206 -3.74 -2.57 -27.50
N VAL B 207 -3.94 -2.89 -26.23
CA VAL B 207 -5.26 -2.96 -25.66
C VAL B 207 -5.28 -1.76 -24.73
N MSE B 208 -4.09 -1.28 -24.38
CA MSE B 208 -3.89 -0.13 -23.49
C MSE B 208 -4.70 1.09 -23.98
O MSE B 208 -4.80 1.38 -25.17
CB MSE B 208 -2.40 0.22 -23.44
CG MSE B 208 -1.88 0.65 -22.08
SE MSE B 208 0.01 1.04 -22.17
CE MSE B 208 -0.07 2.68 -23.12
N ARG B 209 -5.29 1.80 -23.04
CA ARG B 209 -6.06 2.97 -23.41
C ARG B 209 -5.25 4.24 -23.15
N THR B 210 -4.60 4.74 -24.20
CA THR B 210 -3.79 5.93 -24.13
C THR B 210 -4.64 7.15 -24.48
N ASP B 211 -4.22 8.31 -24.03
CA ASP B 211 -4.95 9.56 -24.30
C ASP B 211 -4.05 10.44 -25.15
N SER B 212 -4.65 11.40 -25.84
CA SER B 212 -3.90 12.34 -26.65
C SER B 212 -3.22 13.34 -25.70
N ILE B 213 -2.22 14.03 -26.22
CA ILE B 213 -1.50 15.01 -25.43
C ILE B 213 -2.43 16.10 -24.98
N GLU B 214 -3.33 16.50 -25.86
CA GLU B 214 -4.27 17.55 -25.50
C GLU B 214 -5.19 17.06 -24.36
N THR B 215 -5.59 15.80 -24.39
CA THR B 215 -6.45 15.29 -23.33
C THR B 215 -5.71 15.42 -22.00
N HIS B 216 -4.47 14.96 -21.96
CA HIS B 216 -3.70 15.08 -20.73
C HIS B 216 -3.53 16.52 -20.23
N LYS B 217 -3.25 17.46 -21.14
CA LYS B 217 -3.09 18.85 -20.74
C LYS B 217 -4.37 19.44 -20.12
N VAL B 218 -5.51 19.18 -20.74
CA VAL B 218 -6.80 19.69 -20.28
C VAL B 218 -7.13 19.06 -18.91
N ARG B 219 -7.02 17.74 -18.82
CA ARG B 219 -7.29 17.05 -17.57
C ARG B 219 -6.44 17.66 -16.42
N LEU B 220 -5.15 17.86 -16.64
CA LEU B 220 -4.31 18.47 -15.61
C LEU B 220 -4.76 19.89 -15.26
N LYS B 221 -5.12 20.70 -16.28
CA LYS B 221 -5.59 22.06 -16.02
C LYS B 221 -6.88 22.10 -15.21
N ASN B 222 -7.79 21.21 -15.55
CA ASN B 222 -9.06 21.16 -14.88
C ASN B 222 -8.93 20.71 -13.46
N VAL B 223 -7.95 19.87 -13.17
CA VAL B 223 -7.76 19.35 -11.82
C VAL B 223 -7.21 20.51 -10.98
N GLY B 224 -6.78 21.58 -11.65
CA GLY B 224 -6.29 22.73 -10.92
C GLY B 224 -4.87 23.25 -11.15
N PHE B 225 -3.95 22.46 -11.74
CA PHE B 225 -2.56 22.92 -11.94
C PHE B 225 -2.43 24.27 -12.66
N SER B 226 -1.49 25.09 -12.19
CA SER B 226 -1.21 26.42 -12.78
C SER B 226 -0.44 26.37 -14.11
N GLN B 227 0.66 25.63 -14.13
CA GLN B 227 1.46 25.51 -15.32
C GLN B 227 1.31 24.08 -15.77
N VAL B 228 1.06 23.88 -17.06
CA VAL B 228 0.91 22.55 -17.64
C VAL B 228 1.54 22.56 -19.03
N GLU B 229 2.57 21.73 -19.25
CA GLU B 229 3.19 21.68 -20.56
C GLU B 229 3.97 20.42 -20.90
N LEU B 230 3.90 20.02 -22.19
CA LEU B 230 4.65 18.88 -22.70
C LEU B 230 6.08 19.47 -22.82
N TRP B 231 7.07 18.83 -22.19
CA TRP B 231 8.44 19.31 -22.25
C TRP B 231 9.32 18.34 -23.04
N PHE B 232 8.82 17.14 -23.26
CA PHE B 232 9.57 16.17 -24.02
C PHE B 232 8.62 15.34 -24.88
N GLN B 233 9.06 14.94 -26.07
CA GLN B 233 8.27 14.10 -26.94
C GLN B 233 9.20 13.39 -27.92
N CYS B 234 8.87 12.17 -28.28
CA CYS B 234 9.67 11.49 -29.28
C CYS B 234 8.75 10.45 -29.90
N PHE B 235 8.32 10.74 -31.12
CA PHE B 235 7.37 9.87 -31.80
C PHE B 235 6.12 9.91 -30.93
N ASN B 236 5.60 8.75 -30.48
CA ASN B 236 4.37 8.74 -29.72
C ASN B 236 4.51 8.55 -28.20
N PHE B 237 5.67 8.94 -27.66
CA PHE B 237 5.95 8.95 -26.23
C PHE B 237 6.43 10.36 -25.82
N GLY B 238 6.25 10.70 -24.55
CA GLY B 238 6.68 12.00 -24.10
C GLY B 238 6.46 12.22 -22.63
N SER B 239 6.66 13.44 -22.16
CA SER B 239 6.50 13.69 -20.75
C SER B 239 6.11 15.12 -20.57
N MSE B 240 5.18 15.36 -19.63
CA MSE B 240 4.76 16.71 -19.34
C MSE B 240 5.05 17.09 -17.88
O MSE B 240 5.45 16.25 -17.05
CB MSE B 240 3.29 16.96 -19.71
CG MSE B 240 2.36 15.88 -19.47
SE MSE B 240 0.96 16.10 -20.69
CE MSE B 240 0.21 17.59 -19.99
N ILE B 241 4.94 18.39 -17.62
CA ILE B 241 5.19 18.93 -16.31
C ILE B 241 3.94 19.71 -15.95
N ALA B 242 3.56 19.62 -14.68
CA ALA B 242 2.41 20.34 -14.18
C ALA B 242 2.84 20.88 -12.83
N VAL B 243 2.76 22.19 -12.68
CA VAL B 243 3.14 22.86 -11.46
C VAL B 243 1.91 23.39 -10.75
N LYS B 244 1.77 23.07 -9.47
CA LYS B 244 0.60 23.51 -8.70
C LYS B 244 0.61 25.03 -8.58
CL CL C . -9.69 -9.55 7.34
N SAI D . -8.45 -5.00 12.37
CA SAI D . -9.74 -5.11 11.66
CB SAI D . -9.71 -6.42 10.81
CG SAI D . -8.48 -6.39 9.89
SE SAI D . -8.74 -6.96 8.04
C SAI D . -10.98 -5.11 12.64
O SAI D . -10.75 -5.15 13.88
OXT SAI D . -12.13 -5.14 12.17
C5' SAI D . -6.87 -6.63 7.51
C4' SAI D . -6.47 -5.16 7.39
O4' SAI D . -5.06 -5.17 7.09
C3' SAI D . -7.15 -4.32 6.16
O3' SAI D . -8.05 -3.19 6.46
C2' SAI D . -5.86 -3.91 5.35
O2' SAI D . -5.92 -2.72 4.56
C1' SAI D . -4.81 -3.92 6.45
N9 SAI D . -3.36 -4.10 6.12
C8 SAI D . -2.75 -5.24 5.46
N7 SAI D . -1.46 -5.07 5.36
C5 SAI D . -1.17 -3.82 5.93
C6 SAI D . 0.03 -3.10 6.11
N6 SAI D . 1.18 -3.63 5.71
N1 SAI D . 0.03 -1.87 6.73
C2 SAI D . -1.15 -1.38 7.12
N3 SAI D . -2.35 -1.94 7.01
C4 SAI D . -2.31 -3.19 6.39
CL CL E . 5.71 0.58 -18.68
N SAI F . 8.29 4.56 -13.45
CA SAI F . 9.03 3.43 -14.05
CB SAI F . 8.30 2.93 -15.35
CG SAI F . 6.85 2.49 -15.04
SE SAI F . 6.32 0.80 -15.87
C SAI F . 10.47 3.84 -14.38
O SAI F . 10.79 5.04 -14.16
OXT SAI F . 11.23 3.00 -14.89
C5' SAI F . 4.56 0.76 -15.15
C4' SAI F . 4.58 0.50 -13.68
O4' SAI F . 3.21 0.54 -13.35
C3' SAI F . 5.13 -0.97 -13.22
O3' SAI F . 6.27 -1.01 -12.29
C2' SAI F . 3.84 -1.56 -12.63
O2' SAI F . 3.98 -2.60 -11.62
C1' SAI F . 3.13 -0.26 -12.19
N9 SAI F . 1.69 -0.21 -11.97
C8 SAI F . 0.65 -0.46 -12.93
N7 SAI F . -0.53 -0.29 -12.39
C5 SAI F . -0.28 0.07 -11.05
C6 SAI F . -1.13 0.41 -9.97
N6 SAI F . -2.47 0.40 -10.11
N1 SAI F . -0.57 0.74 -8.75
C2 SAI F . 0.78 0.74 -8.64
N3 SAI F . 1.67 0.46 -9.59
C4 SAI F . 1.08 0.14 -10.79
#